data_5OOH
#
_entry.id   5OOH
#
_cell.length_a   49.263
_cell.length_b   40.259
_cell.length_c   107.231
_cell.angle_alpha   90.00
_cell.angle_beta   90.00
_cell.angle_gamma   90.00
#
_symmetry.space_group_name_H-M   'P 21 21 21'
#
loop_
_entity.id
_entity.type
_entity.pdbx_description
1 polymer 'Flavin reductase (NADPH)'
2 non-polymer 'NADP NICOTINAMIDE-ADENINE-DINUCLEOTIDE PHOSPHATE'
3 non-polymer GLYCEROL
4 non-polymer Erythrosin
5 water water
#
_entity_poly.entity_id   1
_entity_poly.type   'polypeptide(L)'
_entity_poly.pdbx_seq_one_letter_code
;MAVKKIAIFGATGQTGLTTLAQAVQAGYEVTVLVRDSSRLPSEGPRPAHVVVGDVLQAADVDKTVAGQDAVIVLLGTRND
LSPTTVMSEGARNIVAAMKAHGVDKVVACTSAFLLWDPTKVPPRLQAVTDDHIRMHKVLRESGLKYVAVMPPHIGDQPLT
GAYTVTLDGRGPSRVISKHDLGHFMLRCLTTDEYDGHSTYPSHQYQ
;
_entity_poly.pdbx_strand_id   A
#
# COMPACT_ATOMS: atom_id res chain seq x y z
N ALA A 2 -19.87 5.89 -1.88
CA ALA A 2 -18.58 5.43 -2.41
C ALA A 2 -17.43 6.15 -1.72
N VAL A 3 -16.26 5.53 -1.74
CA VAL A 3 -15.06 6.18 -1.25
C VAL A 3 -14.76 7.41 -2.08
N LYS A 4 -14.55 8.54 -1.41
CA LYS A 4 -14.11 9.77 -2.07
C LYS A 4 -12.81 10.32 -1.50
N LYS A 5 -12.68 10.33 -0.18
CA LYS A 5 -11.50 10.86 0.49
C LYS A 5 -10.62 9.69 0.91
N ILE A 6 -9.35 9.74 0.55
CA ILE A 6 -8.41 8.70 0.96
C ILE A 6 -7.15 9.34 1.49
N ALA A 7 -6.50 8.63 2.42
CA ALA A 7 -5.12 8.88 2.81
C ALA A 7 -4.24 7.85 2.16
N ILE A 8 -3.09 8.28 1.67
CA ILE A 8 -2.05 7.40 1.18
C ILE A 8 -0.83 7.59 2.06
N PHE A 9 -0.31 6.48 2.58
CA PHE A 9 0.95 6.42 3.28
C PHE A 9 1.99 5.80 2.34
N GLY A 10 3.16 6.37 2.28
CA GLY A 10 4.16 5.95 1.31
C GLY A 10 4.00 6.53 -0.07
N ALA A 11 3.35 7.68 -0.16
CA ALA A 11 3.02 8.27 -1.45
C ALA A 11 4.23 8.75 -2.23
N THR A 12 5.38 8.94 -1.58
CA THR A 12 6.57 9.38 -2.28
C THR A 12 7.45 8.23 -2.76
N GLY A 13 7.04 7.00 -2.54
CA GLY A 13 7.79 5.85 -2.96
C GLY A 13 7.53 5.48 -4.40
N GLN A 14 8.17 4.41 -4.84
CA GLN A 14 8.06 4.00 -6.23
C GLN A 14 6.61 3.77 -6.63
N THR A 15 5.91 2.96 -5.85
CA THR A 15 4.52 2.65 -6.14
C THR A 15 3.63 3.79 -5.68
N GLY A 16 3.98 4.40 -4.57
CA GLY A 16 3.18 5.49 -4.04
C GLY A 16 3.00 6.64 -5.01
N LEU A 17 4.06 7.02 -5.73
CA LEU A 17 3.95 8.20 -6.59
C LEU A 17 2.92 7.97 -7.68
N THR A 18 2.94 6.80 -8.30
CA THR A 18 1.99 6.53 -9.37
C THR A 18 0.60 6.28 -8.82
N THR A 19 0.49 5.66 -7.65
CA THR A 19 -0.81 5.49 -7.04
C THR A 19 -1.43 6.84 -6.73
N LEU A 20 -0.64 7.74 -6.18
CA LEU A 20 -1.09 9.10 -5.90
C LEU A 20 -1.57 9.79 -7.18
N ALA A 21 -0.73 9.79 -8.24
CA ALA A 21 -1.15 10.44 -9.48
C ALA A 21 -2.43 9.84 -10.02
N GLN A 22 -2.52 8.51 -10.05
CA GLN A 22 -3.71 7.85 -10.54
C GLN A 22 -4.92 8.19 -9.70
N ALA A 23 -4.76 8.22 -8.39
CA ALA A 23 -5.90 8.48 -7.51
C ALA A 23 -6.46 9.87 -7.76
N VAL A 24 -5.56 10.85 -7.85
CA VAL A 24 -6.03 12.22 -8.11
C VAL A 24 -6.68 12.30 -9.48
N GLN A 25 -6.06 11.69 -10.49
CA GLN A 25 -6.67 11.74 -11.83
C GLN A 25 -8.03 11.08 -11.85
N ALA A 26 -8.24 10.05 -11.05
CA ALA A 26 -9.50 9.33 -10.97
C ALA A 26 -10.56 10.09 -10.20
N GLY A 27 -10.22 11.17 -9.53
CA GLY A 27 -11.22 11.97 -8.85
C GLY A 27 -11.24 11.85 -7.35
N TYR A 28 -10.32 11.11 -6.75
CA TYR A 28 -10.28 11.03 -5.31
C TYR A 28 -9.73 12.33 -4.72
N GLU A 29 -10.16 12.65 -3.50
CA GLU A 29 -9.61 13.73 -2.70
C GLU A 29 -8.57 13.11 -1.80
N VAL A 30 -7.30 13.35 -2.09
CA VAL A 30 -6.20 12.59 -1.53
C VAL A 30 -5.42 13.41 -0.52
N THR A 31 -5.20 12.82 0.66
CA THR A 31 -4.29 13.34 1.67
C THR A 31 -3.09 12.42 1.74
N VAL A 32 -1.89 13.00 1.84
CA VAL A 32 -0.67 12.22 1.99
C VAL A 32 0.08 12.66 3.24
N LEU A 33 0.75 11.72 3.90
CA LEU A 33 1.71 11.99 4.97
C LEU A 33 3.09 11.79 4.39
N VAL A 34 3.92 12.82 4.43
CA VAL A 34 5.26 12.75 3.87
C VAL A 34 6.23 13.35 4.88
N ARG A 35 7.40 12.75 4.97
CA ARG A 35 8.45 13.31 5.81
C ARG A 35 9.10 14.49 5.13
N ASP A 36 9.17 14.48 3.81
CA ASP A 36 9.94 15.46 3.04
C ASP A 36 9.13 15.81 1.79
N SER A 37 8.54 16.99 1.80
CA SER A 37 7.65 17.37 0.71
C SER A 37 8.37 17.61 -0.60
N SER A 38 9.69 17.74 -0.58
CA SER A 38 10.42 17.89 -1.83
C SER A 38 10.39 16.64 -2.68
N ARG A 39 9.96 15.53 -2.11
CA ARG A 39 9.86 14.28 -2.82
C ARG A 39 8.54 14.13 -3.53
N LEU A 40 7.64 15.07 -3.38
CA LEU A 40 6.43 15.09 -4.19
C LEU A 40 6.70 15.86 -5.48
N PRO A 41 6.12 15.46 -6.60
CA PRO A 41 6.39 16.15 -7.87
C PRO A 41 5.59 17.44 -8.02
N SER A 42 6.13 18.35 -8.82
N SER A 42 6.11 18.32 -8.86
CA SER A 42 5.36 19.52 -9.27
CA SER A 42 5.36 19.51 -9.26
C SER A 42 4.47 19.20 -10.46
C SER A 42 4.51 19.27 -10.50
N GLU A 43 5.00 18.47 -11.44
CA GLU A 43 4.22 18.17 -12.63
C GLU A 43 3.21 17.10 -12.31
N GLY A 44 2.15 17.07 -13.10
CA GLY A 44 1.14 16.06 -13.00
C GLY A 44 0.15 16.33 -11.88
N PRO A 45 -0.71 15.34 -11.64
CA PRO A 45 -1.74 15.48 -10.61
C PRO A 45 -1.11 15.69 -9.23
N ARG A 46 -1.82 16.46 -8.39
CA ARG A 46 -1.33 16.90 -7.09
C ARG A 46 -2.32 16.52 -6.00
N PRO A 47 -1.84 16.05 -4.83
CA PRO A 47 -2.75 15.75 -3.74
C PRO A 47 -3.51 16.97 -3.28
N ALA A 48 -4.69 16.73 -2.72
CA ALA A 48 -5.48 17.81 -2.15
C ALA A 48 -4.92 18.30 -0.83
N HIS A 49 -4.30 17.43 -0.03
CA HIS A 49 -3.81 17.81 1.28
C HIS A 49 -2.50 17.10 1.54
N VAL A 50 -1.55 17.83 2.10
CA VAL A 50 -0.24 17.29 2.44
C VAL A 50 -0.02 17.52 3.92
N VAL A 51 0.26 16.45 4.65
CA VAL A 51 0.68 16.51 6.04
C VAL A 51 2.15 16.17 6.08
N VAL A 52 2.96 17.04 6.67
CA VAL A 52 4.38 16.76 6.86
C VAL A 52 4.55 16.12 8.22
N GLY A 53 5.14 14.93 8.24
CA GLY A 53 5.34 14.20 9.47
C GLY A 53 5.75 12.78 9.18
N ASP A 54 5.66 11.95 10.21
CA ASP A 54 6.25 10.63 10.23
C ASP A 54 5.22 9.61 10.67
N VAL A 55 5.21 8.46 9.99
CA VAL A 55 4.24 7.42 10.32
C VAL A 55 4.49 6.83 11.69
N LEU A 56 5.68 7.04 12.26
CA LEU A 56 5.99 6.59 13.61
C LEU A 56 5.49 7.54 14.67
N GLN A 57 4.95 8.69 14.30
CA GLN A 57 4.40 9.66 15.25
C GLN A 57 2.89 9.56 15.18
N ALA A 58 2.28 9.08 16.27
CA ALA A 58 0.83 8.86 16.29
C ALA A 58 0.06 10.11 15.94
N ALA A 59 0.51 11.28 16.41
CA ALA A 59 -0.27 12.49 16.12
C ALA A 59 -0.26 12.85 14.65
N ASP A 60 0.85 12.58 13.96
CA ASP A 60 0.94 12.86 12.53
C ASP A 60 0.02 11.93 11.75
N VAL A 61 0.00 10.67 12.14
CA VAL A 61 -0.88 9.71 11.51
C VAL A 61 -2.34 10.08 11.76
N ASP A 62 -2.64 10.48 12.99
CA ASP A 62 -4.01 10.84 13.33
C ASP A 62 -4.53 11.96 12.46
N LYS A 63 -3.69 13.00 12.26
CA LYS A 63 -4.05 14.13 11.42
C LYS A 63 -4.29 13.71 9.98
N THR A 64 -3.58 12.70 9.51
CA THR A 64 -3.69 12.24 8.12
C THR A 64 -4.96 11.42 7.92
N VAL A 65 -5.30 10.59 8.91
CA VAL A 65 -6.44 9.66 8.80
C VAL A 65 -7.76 10.34 9.08
N ALA A 66 -7.76 11.41 9.86
CA ALA A 66 -9.00 12.07 10.20
C ALA A 66 -9.77 12.46 8.94
N GLY A 67 -11.05 12.12 8.92
CA GLY A 67 -11.95 12.53 7.86
C GLY A 67 -11.94 11.65 6.62
N GLN A 68 -11.10 10.62 6.56
CA GLN A 68 -10.99 9.85 5.34
C GLN A 68 -12.06 8.78 5.27
N ASP A 69 -12.26 8.26 4.07
CA ASP A 69 -13.12 7.11 3.83
C ASP A 69 -12.35 5.81 3.75
N ALA A 70 -11.07 5.86 3.38
CA ALA A 70 -10.25 4.67 3.27
C ALA A 70 -8.79 5.09 3.30
N VAL A 71 -7.92 4.10 3.52
CA VAL A 71 -6.49 4.28 3.64
C VAL A 71 -5.79 3.31 2.71
N ILE A 72 -4.80 3.82 1.97
N ILE A 72 -4.80 3.80 1.98
CA ILE A 72 -3.85 3.03 1.19
CA ILE A 72 -3.87 2.99 1.20
C ILE A 72 -2.52 3.07 1.92
C ILE A 72 -2.49 3.07 1.85
N VAL A 73 -1.88 1.92 2.04
CA VAL A 73 -0.58 1.81 2.67
C VAL A 73 0.41 1.23 1.67
N LEU A 74 1.42 2.04 1.34
CA LEU A 74 2.53 1.73 0.44
C LEU A 74 3.85 2.12 1.10
N LEU A 75 3.92 1.91 2.40
CA LEU A 75 5.15 2.10 3.16
C LEU A 75 6.19 1.08 2.75
N GLY A 76 7.45 1.47 2.90
CA GLY A 76 8.58 0.62 2.58
C GLY A 76 9.84 1.27 3.07
N THR A 77 10.95 0.62 2.80
CA THR A 77 12.23 1.03 3.35
C THR A 77 13.21 1.56 2.31
N ARG A 78 12.76 1.85 1.09
CA ARG A 78 13.63 2.34 0.01
C ARG A 78 14.88 1.47 -0.13
N ASN A 79 14.66 0.17 -0.25
CA ASN A 79 15.78 -0.74 -0.46
C ASN A 79 16.78 -0.83 0.70
N ASP A 80 16.49 -0.26 1.87
CA ASP A 80 17.25 -0.58 3.08
C ASP A 80 16.74 -1.93 3.57
N LEU A 81 17.61 -2.93 3.61
CA LEU A 81 17.23 -4.30 3.91
C LEU A 81 17.52 -4.67 5.36
N SER A 82 17.89 -3.71 6.19
N SER A 82 17.88 -3.70 6.18
CA SER A 82 18.25 -4.03 7.56
CA SER A 82 18.21 -3.95 7.58
C SER A 82 17.00 -4.33 8.39
C SER A 82 16.97 -4.39 8.36
N PRO A 83 17.16 -5.07 9.49
CA PRO A 83 16.03 -5.34 10.39
C PRO A 83 15.28 -4.06 10.74
N THR A 84 13.95 -4.19 10.85
CA THR A 84 13.13 -3.00 10.86
C THR A 84 11.78 -3.32 11.47
N THR A 85 11.21 -2.28 12.11
CA THR A 85 9.82 -2.32 12.54
C THR A 85 9.05 -1.12 12.01
N VAL A 86 9.58 -0.38 11.05
CA VAL A 86 8.92 0.86 10.61
C VAL A 86 7.53 0.55 10.07
N MET A 87 7.40 -0.46 9.20
CA MET A 87 6.12 -0.73 8.57
C MET A 87 5.10 -1.21 9.59
N SER A 88 5.48 -2.12 10.46
CA SER A 88 4.51 -2.64 11.44
C SER A 88 4.15 -1.62 12.48
N GLU A 89 5.11 -0.83 12.97
CA GLU A 89 4.78 0.24 13.91
C GLU A 89 3.93 1.30 13.22
N GLY A 90 4.25 1.62 11.99
CA GLY A 90 3.38 2.53 11.26
C GLY A 90 1.98 1.99 11.13
N ALA A 91 1.84 0.70 10.81
CA ALA A 91 0.51 0.11 10.70
C ALA A 91 -0.23 0.17 12.02
N ARG A 92 0.45 -0.07 13.14
CA ARG A 92 -0.22 0.05 14.43
C ARG A 92 -0.78 1.45 14.61
N ASN A 93 0.00 2.47 14.27
CA ASN A 93 -0.49 3.83 14.38
C ASN A 93 -1.66 4.10 13.44
N ILE A 94 -1.59 3.57 12.23
CA ILE A 94 -2.67 3.75 11.26
C ILE A 94 -3.96 3.11 11.77
N VAL A 95 -3.88 1.87 12.28
CA VAL A 95 -5.08 1.22 12.79
C VAL A 95 -5.67 2.02 13.93
N ALA A 96 -4.83 2.48 14.86
CA ALA A 96 -5.33 3.25 15.99
C ALA A 96 -6.03 4.51 15.52
N ALA A 97 -5.46 5.19 14.52
CA ALA A 97 -6.08 6.40 14.01
C ALA A 97 -7.38 6.09 13.27
N MET A 98 -7.41 5.01 12.51
CA MET A 98 -8.64 4.62 11.83
C MET A 98 -9.75 4.37 12.84
N LYS A 99 -9.45 3.63 13.90
CA LYS A 99 -10.46 3.37 14.92
C LYS A 99 -10.87 4.65 15.63
N ALA A 100 -9.94 5.56 15.86
CA ALA A 100 -10.29 6.81 16.53
C ALA A 100 -11.18 7.69 15.69
N HIS A 101 -11.15 7.54 14.36
CA HIS A 101 -11.85 8.41 13.44
C HIS A 101 -12.94 7.72 12.64
N GLY A 102 -13.21 6.46 12.91
CA GLY A 102 -14.32 5.80 12.26
C GLY A 102 -14.06 5.35 10.84
N VAL A 103 -12.80 5.23 10.46
CA VAL A 103 -12.41 4.80 9.12
C VAL A 103 -12.28 3.28 9.14
N ASP A 104 -12.88 2.61 8.16
CA ASP A 104 -13.00 1.16 8.25
C ASP A 104 -12.42 0.36 7.11
N LYS A 105 -11.72 0.97 6.16
CA LYS A 105 -11.21 0.30 4.97
C LYS A 105 -9.75 0.64 4.79
N VAL A 106 -8.91 -0.39 4.71
CA VAL A 106 -7.49 -0.24 4.49
C VAL A 106 -7.03 -1.25 3.46
N VAL A 107 -6.26 -0.78 2.48
CA VAL A 107 -5.66 -1.60 1.43
C VAL A 107 -4.17 -1.42 1.61
N ALA A 108 -3.44 -2.49 1.90
CA ALA A 108 -2.03 -2.36 2.28
C ALA A 108 -1.18 -3.37 1.55
N CYS A 109 -0.02 -2.90 1.11
CA CYS A 109 0.93 -3.69 0.37
C CYS A 109 1.99 -4.32 1.27
N THR A 110 2.14 -5.64 1.18
CA THR A 110 3.28 -6.35 1.76
C THR A 110 4.02 -6.98 0.60
N SER A 111 4.00 -8.29 0.43
CA SER A 111 4.71 -8.92 -0.68
C SER A 111 4.22 -10.33 -0.86
N ALA A 112 4.44 -10.86 -2.05
CA ALA A 112 4.10 -12.24 -2.38
C ALA A 112 4.85 -13.25 -1.56
N PHE A 113 5.94 -12.87 -0.89
CA PHE A 113 6.59 -13.84 -0.01
C PHE A 113 5.65 -14.31 1.08
N LEU A 114 4.63 -13.54 1.42
CA LEU A 114 3.65 -13.94 2.42
C LEU A 114 2.62 -14.93 1.87
N LEU A 115 2.67 -15.23 0.57
CA LEU A 115 1.88 -16.30 -0.05
C LEU A 115 2.72 -17.49 -0.50
N TRP A 116 3.95 -17.25 -0.90
CA TRP A 116 4.82 -18.29 -1.41
C TRP A 116 5.40 -19.08 -0.25
N ASP A 117 6.02 -20.21 -0.58
CA ASP A 117 6.63 -21.07 0.42
C ASP A 117 7.54 -20.22 1.29
N PRO A 118 7.30 -20.14 2.60
CA PRO A 118 8.03 -19.17 3.43
C PRO A 118 9.46 -19.54 3.66
N THR A 119 9.88 -20.75 3.27
CA THR A 119 11.27 -21.16 3.36
C THR A 119 12.07 -20.76 2.13
N LYS A 120 11.46 -20.08 1.15
CA LYS A 120 12.12 -19.67 -0.08
C LYS A 120 12.22 -18.15 -0.24
N VAL A 121 12.32 -17.43 0.87
CA VAL A 121 12.61 -15.99 0.83
C VAL A 121 14.11 -15.80 0.66
N PRO A 122 14.58 -15.01 -0.30
CA PRO A 122 16.02 -14.74 -0.40
C PRO A 122 16.54 -14.21 0.91
N PRO A 123 17.68 -14.71 1.39
CA PRO A 123 18.18 -14.25 2.69
C PRO A 123 18.23 -12.74 2.84
N ARG A 124 18.61 -12.01 1.79
CA ARG A 124 18.74 -10.58 1.94
C ARG A 124 17.39 -9.90 2.20
N LEU A 125 16.27 -10.54 1.85
CA LEU A 125 14.95 -9.97 2.03
C LEU A 125 14.24 -10.48 3.29
N GLN A 126 14.89 -11.30 4.11
CA GLN A 126 14.18 -11.93 5.22
C GLN A 126 13.80 -10.91 6.30
N ALA A 127 14.67 -9.96 6.61
CA ALA A 127 14.36 -9.00 7.66
C ALA A 127 13.16 -8.13 7.29
N VAL A 128 13.13 -7.64 6.06
CA VAL A 128 11.99 -6.86 5.62
C VAL A 128 10.73 -7.72 5.61
N THR A 129 10.84 -8.96 5.15
CA THR A 129 9.71 -9.86 5.13
C THR A 129 9.16 -10.10 6.53
N ASP A 130 10.04 -10.23 7.52
CA ASP A 130 9.59 -10.42 8.89
C ASP A 130 8.74 -9.25 9.34
N ASP A 131 9.10 -8.02 8.92
CA ASP A 131 8.27 -6.88 9.29
C ASP A 131 6.98 -6.80 8.47
N HIS A 132 7.00 -7.21 7.20
CA HIS A 132 5.75 -7.36 6.46
C HIS A 132 4.80 -8.31 7.17
N ILE A 133 5.34 -9.42 7.69
CA ILE A 133 4.50 -10.38 8.41
C ILE A 133 3.93 -9.73 9.67
N ARG A 134 4.73 -8.97 10.40
CA ARG A 134 4.20 -8.24 11.56
C ARG A 134 3.12 -7.26 11.16
N MET A 135 3.33 -6.53 10.06
N MET A 135 3.33 -6.54 10.06
CA MET A 135 2.32 -5.56 9.62
CA MET A 135 2.36 -5.57 9.58
C MET A 135 1.03 -6.25 9.18
C MET A 135 1.06 -6.25 9.18
N HIS A 136 1.15 -7.36 8.47
CA HIS A 136 -0.03 -8.12 8.05
C HIS A 136 -0.81 -8.58 9.26
N LYS A 137 -0.12 -9.05 10.30
N LYS A 137 -0.11 -9.04 10.30
CA LYS A 137 -0.82 -9.47 11.51
CA LYS A 137 -0.79 -9.47 11.53
C LYS A 137 -1.58 -8.30 12.14
C LYS A 137 -1.55 -8.31 12.15
N VAL A 138 -0.91 -7.15 12.27
CA VAL A 138 -1.57 -5.98 12.83
C VAL A 138 -2.84 -5.65 12.07
N LEU A 139 -2.78 -5.69 10.75
CA LEU A 139 -3.94 -5.31 9.94
C LEU A 139 -5.02 -6.39 9.98
N ARG A 140 -4.64 -7.67 9.92
CA ARG A 140 -5.62 -8.75 9.96
C ARG A 140 -6.36 -8.78 11.28
N GLU A 141 -5.69 -8.45 12.37
CA GLU A 141 -6.28 -8.54 13.69
C GLU A 141 -7.00 -7.28 14.09
N SER A 142 -6.96 -6.25 13.24
CA SER A 142 -7.58 -5.00 13.57
C SER A 142 -9.09 -5.09 13.55
N GLY A 143 -9.61 -6.06 12.83
N GLY A 143 -9.70 -6.04 12.86
CA GLY A 143 -11.02 -6.21 12.59
CA GLY A 143 -11.15 -5.96 12.77
C GLY A 143 -11.57 -5.35 11.48
C GLY A 143 -11.62 -4.80 11.93
N LEU A 144 -10.80 -4.37 10.98
CA LEU A 144 -11.23 -3.44 9.96
C LEU A 144 -11.27 -4.18 8.65
N LYS A 145 -11.93 -3.60 7.64
CA LYS A 145 -11.97 -4.21 6.32
C LYS A 145 -10.61 -4.01 5.68
N TYR A 146 -9.89 -5.08 5.46
CA TYR A 146 -8.47 -5.05 5.09
C TYR A 146 -8.26 -5.89 3.86
N VAL A 147 -7.76 -5.27 2.80
CA VAL A 147 -7.32 -5.99 1.63
C VAL A 147 -5.80 -6.07 1.69
N ALA A 148 -5.28 -7.29 1.74
CA ALA A 148 -3.85 -7.53 1.76
C ALA A 148 -3.40 -7.70 0.32
N VAL A 149 -2.54 -6.81 -0.14
CA VAL A 149 -2.00 -6.86 -1.50
C VAL A 149 -0.56 -7.36 -1.39
N MET A 150 -0.27 -8.48 -2.04
CA MET A 150 0.98 -9.21 -1.87
C MET A 150 1.66 -9.39 -3.22
N PRO A 151 2.30 -8.32 -3.73
CA PRO A 151 2.80 -8.37 -5.11
C PRO A 151 4.13 -9.09 -5.21
N PRO A 152 4.43 -9.59 -6.40
CA PRO A 152 5.78 -10.06 -6.74
C PRO A 152 6.66 -8.86 -7.05
N HIS A 153 7.76 -9.09 -7.77
CA HIS A 153 8.67 -8.02 -8.09
C HIS A 153 7.92 -6.89 -8.77
N ILE A 154 8.20 -5.68 -8.32
CA ILE A 154 7.57 -4.47 -8.84
C ILE A 154 8.45 -3.92 -9.96
N GLY A 155 7.89 -3.83 -11.16
CA GLY A 155 8.61 -3.38 -12.34
C GLY A 155 8.20 -1.99 -12.77
N ASP A 156 8.78 -1.57 -13.90
N ASP A 156 8.78 -1.54 -13.88
CA ASP A 156 8.63 -0.25 -14.47
CA ASP A 156 8.47 -0.20 -14.39
C ASP A 156 7.77 -0.24 -15.73
C ASP A 156 7.87 -0.28 -15.79
N GLN A 157 7.14 -1.35 -16.06
CA GLN A 157 6.41 -1.47 -17.31
C GLN A 157 5.23 -0.51 -17.31
N PRO A 158 4.63 -0.26 -18.45
CA PRO A 158 3.50 0.66 -18.51
CA PRO A 158 3.50 0.67 -18.49
C PRO A 158 2.28 0.21 -17.70
N LEU A 159 1.43 1.18 -17.43
CA LEU A 159 0.09 0.90 -16.95
C LEU A 159 -0.68 0.15 -18.01
N THR A 160 -1.32 -0.93 -17.64
CA THR A 160 -2.20 -1.68 -18.54
C THR A 160 -3.61 -1.83 -18.01
N GLY A 161 -3.78 -1.96 -16.70
CA GLY A 161 -5.08 -2.31 -16.17
C GLY A 161 -5.54 -3.70 -16.59
N ALA A 162 -4.63 -4.56 -17.06
CA ALA A 162 -5.02 -5.84 -17.67
C ALA A 162 -4.42 -7.02 -16.94
N TYR A 163 -3.84 -6.77 -15.78
CA TYR A 163 -3.22 -7.79 -14.95
C TYR A 163 -4.30 -8.73 -14.38
N THR A 164 -3.80 -9.85 -13.86
CA THR A 164 -4.62 -10.90 -13.25
C THR A 164 -4.41 -10.84 -11.75
N VAL A 165 -5.48 -11.07 -10.99
CA VAL A 165 -5.39 -11.11 -9.53
C VAL A 165 -5.81 -12.50 -9.09
N THR A 166 -4.93 -13.19 -8.40
CA THR A 166 -5.26 -14.48 -7.79
C THR A 166 -5.20 -14.33 -6.29
N LEU A 167 -5.64 -15.37 -5.61
CA LEU A 167 -5.72 -15.34 -4.16
C LEU A 167 -4.65 -16.21 -3.53
N ASP A 168 -3.79 -16.86 -4.32
CA ASP A 168 -2.88 -17.86 -3.80
C ASP A 168 -1.42 -17.69 -4.18
N GLY A 169 -1.07 -16.62 -4.90
CA GLY A 169 0.32 -16.41 -5.24
C GLY A 169 0.80 -17.11 -6.49
N ARG A 170 -0.07 -17.84 -7.16
CA ARG A 170 0.23 -18.36 -8.48
C ARG A 170 -0.44 -17.43 -9.48
N GLY A 171 0.15 -17.30 -10.65
CA GLY A 171 -0.44 -16.45 -11.66
C GLY A 171 0.37 -16.47 -12.92
N PRO A 172 0.02 -15.58 -13.84
CA PRO A 172 0.70 -15.57 -15.13
C PRO A 172 2.16 -15.17 -15.05
N SER A 173 2.62 -14.47 -14.00
CA SER A 173 4.02 -14.10 -13.94
C SER A 173 4.42 -13.85 -12.51
N ARG A 174 5.68 -13.47 -12.36
CA ARG A 174 6.24 -13.00 -11.10
C ARG A 174 6.66 -11.53 -11.20
N VAL A 175 5.90 -10.74 -11.95
CA VAL A 175 6.12 -9.30 -11.99
C VAL A 175 4.79 -8.58 -12.09
N ILE A 176 4.75 -7.40 -11.50
CA ILE A 176 3.65 -6.46 -11.68
C ILE A 176 4.29 -5.08 -11.84
N SER A 177 3.81 -4.32 -12.81
N SER A 177 3.78 -4.32 -12.80
CA SER A 177 4.36 -2.97 -12.92
CA SER A 177 4.26 -2.95 -12.93
C SER A 177 3.87 -2.13 -11.74
C SER A 177 3.85 -2.14 -11.70
N LYS A 178 4.71 -1.18 -11.30
CA LYS A 178 4.31 -0.27 -10.25
C LYS A 178 3.00 0.43 -10.60
N HIS A 179 2.81 0.77 -11.87
CA HIS A 179 1.59 1.46 -12.26
C HIS A 179 0.39 0.56 -12.11
N ASP A 180 0.51 -0.70 -12.54
CA ASP A 180 -0.60 -1.66 -12.38
C ASP A 180 -0.87 -1.97 -10.92
N LEU A 181 0.18 -2.05 -10.10
CA LEU A 181 -0.02 -2.25 -8.67
C LEU A 181 -0.83 -1.12 -8.07
N GLY A 182 -0.49 0.13 -8.43
CA GLY A 182 -1.28 1.24 -7.97
C GLY A 182 -2.71 1.20 -8.44
N HIS A 183 -2.91 0.86 -9.72
CA HIS A 183 -4.24 0.71 -10.27
C HIS A 183 -5.05 -0.30 -9.48
N PHE A 184 -4.41 -1.40 -9.10
CA PHE A 184 -5.10 -2.43 -8.33
C PHE A 184 -5.45 -1.93 -6.94
N MET A 185 -4.52 -1.24 -6.26
N MET A 185 -4.58 -1.19 -6.29
CA MET A 185 -4.80 -0.64 -4.96
CA MET A 185 -4.95 -0.76 -4.96
C MET A 185 -6.10 0.15 -5.05
C MET A 185 -6.10 0.23 -4.99
N LEU A 186 -6.22 1.00 -6.08
CA LEU A 186 -7.40 1.82 -6.26
C LEU A 186 -8.64 0.99 -6.58
N ARG A 187 -8.50 -0.07 -7.35
CA ARG A 187 -9.65 -0.93 -7.62
C ARG A 187 -10.24 -1.46 -6.34
N CYS A 188 -9.38 -1.76 -5.38
CA CYS A 188 -9.83 -2.32 -4.11
C CYS A 188 -10.69 -1.36 -3.32
N LEU A 189 -10.69 -0.07 -3.65
CA LEU A 189 -11.55 0.89 -3.01
C LEU A 189 -13.00 0.81 -3.48
N THR A 190 -13.28 0.17 -4.61
CA THR A 190 -14.64 0.18 -5.14
C THR A 190 -15.27 -1.20 -5.19
N THR A 191 -14.68 -2.16 -4.49
CA THR A 191 -15.28 -3.48 -4.37
C THR A 191 -15.00 -4.00 -2.97
N ASP A 192 -15.92 -4.84 -2.48
CA ASP A 192 -15.64 -5.55 -1.24
CA ASP A 192 -15.75 -5.59 -1.25
C ASP A 192 -15.14 -6.97 -1.49
N GLU A 193 -14.95 -7.38 -2.74
CA GLU A 193 -14.69 -8.80 -3.03
C GLU A 193 -13.36 -9.28 -2.48
N TYR A 194 -12.41 -8.39 -2.20
CA TYR A 194 -11.12 -8.80 -1.67
C TYR A 194 -10.99 -8.55 -0.18
N ASP A 195 -12.01 -8.00 0.48
CA ASP A 195 -11.89 -7.71 1.90
C ASP A 195 -11.65 -9.01 2.66
N GLY A 196 -10.66 -9.02 3.54
CA GLY A 196 -10.34 -10.23 4.29
C GLY A 196 -9.54 -11.25 3.52
N HIS A 197 -9.11 -10.93 2.31
CA HIS A 197 -8.34 -11.84 1.49
C HIS A 197 -6.96 -11.29 1.26
N SER A 198 -6.08 -12.19 0.86
CA SER A 198 -4.77 -11.84 0.32
C SER A 198 -4.83 -11.98 -1.19
N THR A 199 -4.18 -11.06 -1.86
CA THR A 199 -4.29 -10.91 -3.30
C THR A 199 -2.92 -10.84 -3.92
N TYR A 200 -2.82 -11.40 -5.13
CA TYR A 200 -1.57 -11.52 -5.86
C TYR A 200 -1.79 -10.99 -7.27
N PRO A 201 -1.40 -9.76 -7.55
CA PRO A 201 -1.50 -9.21 -8.90
C PRO A 201 -0.23 -9.52 -9.68
N SER A 202 -0.41 -9.95 -10.94
CA SER A 202 0.73 -10.21 -11.81
C SER A 202 0.27 -10.10 -13.26
N HIS A 203 1.24 -9.97 -14.16
CA HIS A 203 0.91 -9.83 -15.58
C HIS A 203 2.14 -10.16 -16.41
N GLN A 204 1.91 -10.70 -17.61
CA GLN A 204 2.95 -10.88 -18.62
C GLN A 204 2.94 -9.64 -19.51
N TYR A 205 3.99 -8.83 -19.42
CA TYR A 205 4.12 -7.60 -20.19
C TYR A 205 4.72 -7.84 -21.58
N GLN A 206 5.40 -8.97 -21.77
CA GLN A 206 5.92 -9.35 -23.06
C GLN A 206 5.10 -10.50 -23.67
#